data_8Z6O
#
_entry.id   8Z6O
#
_cell.length_a   35.054
_cell.length_b   39.012
_cell.length_c   41.720
_cell.angle_alpha   63.16
_cell.angle_beta   70.31
_cell.angle_gamma   73.59
#
_symmetry.space_group_name_H-M   'P 1'
#
loop_
_entity.id
_entity.type
_entity.pdbx_description
1 polymer 'Hepatoma-derived growth factor-related protein 2'
2 non-polymer 'DIMETHYL SULFOXIDE'
3 non-polymer VARENICLINE
4 water water
#
_entity_poly.entity_id   1
_entity_poly.type   'polypeptide(L)'
_entity_poly.pdbx_seq_one_letter_code
;MPHAFKPGDLVFAKMKGYPHWPARIDDIADGAVKPPPNKYPIFFFGTHETAFLGPKDLFPYDKCKDKYGKPNKRKGFNEG
LWEIQNNPHASYS
;
_entity_poly.pdbx_strand_id   A,B
#
loop_
_chem_comp.id
_chem_comp.type
_chem_comp.name
_chem_comp.formula
DMS non-polymer 'DIMETHYL SULFOXIDE' 'C2 H6 O S'
QMR non-polymer VARENICLINE 'C13 H13 N3'
#
# COMPACT_ATOMS: atom_id res chain seq x y z
N HIS A 3 -15.09 -4.36 11.35
CA HIS A 3 -13.79 -5.01 11.21
C HIS A 3 -12.72 -4.26 12.00
N ALA A 4 -11.84 -4.99 12.68
CA ALA A 4 -10.76 -4.36 13.42
C ALA A 4 -9.75 -3.73 12.48
N PHE A 5 -9.05 -2.72 12.96
CA PHE A 5 -8.03 -2.08 12.14
C PHE A 5 -6.78 -2.94 12.07
N LYS A 6 -6.23 -3.08 10.87
CA LYS A 6 -5.04 -3.86 10.60
C LYS A 6 -3.97 -2.99 9.94
N PRO A 7 -2.70 -3.32 10.13
CA PRO A 7 -1.64 -2.61 9.40
C PRO A 7 -1.90 -2.60 7.90
N GLY A 8 -1.72 -1.43 7.30
CA GLY A 8 -1.97 -1.22 5.89
C GLY A 8 -3.32 -0.61 5.58
N ASP A 9 -4.25 -0.65 6.54
CA ASP A 9 -5.54 0.03 6.35
C ASP A 9 -5.32 1.52 6.12
N LEU A 10 -6.04 2.07 5.16
CA LEU A 10 -6.00 3.49 4.86
C LEU A 10 -7.17 4.21 5.50
N VAL A 11 -6.91 5.38 6.08
CA VAL A 11 -7.89 6.08 6.88
C VAL A 11 -7.74 7.59 6.66
N PHE A 12 -8.72 8.33 7.16
CA PHE A 12 -8.51 9.71 7.58
C PHE A 12 -8.46 9.68 9.10
N ALA A 13 -7.47 10.36 9.67
CA ALA A 13 -7.21 10.33 11.10
C ALA A 13 -7.32 11.74 11.62
N LYS A 14 -8.04 11.90 12.72
CA LYS A 14 -8.36 13.21 13.28
C LYS A 14 -7.47 13.49 14.48
N MET A 15 -6.66 14.53 14.38
CA MET A 15 -5.91 15.06 15.50
C MET A 15 -6.42 16.45 15.86
N LYS A 16 -6.28 16.80 17.13
CA LYS A 16 -6.76 18.10 17.60
C LYS A 16 -6.04 19.22 16.88
N GLY A 17 -6.81 20.16 16.33
CA GLY A 17 -6.24 21.28 15.62
C GLY A 17 -5.89 21.03 14.17
N TYR A 18 -6.22 19.86 13.64
CA TYR A 18 -5.96 19.51 12.26
C TYR A 18 -7.24 18.97 11.63
N PRO A 19 -7.46 19.22 10.34
CA PRO A 19 -8.55 18.54 9.65
C PRO A 19 -8.29 17.04 9.60
N HIS A 20 -9.36 16.28 9.38
CA HIS A 20 -9.22 14.85 9.09
C HIS A 20 -8.16 14.63 8.03
N TRP A 21 -7.14 13.82 8.35
CA TRP A 21 -5.89 13.83 7.61
C TRP A 21 -5.64 12.46 6.97
N PRO A 22 -5.24 12.40 5.70
CA PRO A 22 -4.96 11.09 5.09
C PRO A 22 -3.84 10.36 5.82
N ALA A 23 -4.08 9.09 6.10
CA ALA A 23 -3.15 8.35 6.97
C ALA A 23 -3.29 6.86 6.73
N ARG A 24 -2.37 6.10 7.34
CA ARG A 24 -2.41 4.65 7.26
C ARG A 24 -2.07 4.06 8.62
N ILE A 25 -2.63 2.88 8.90
CA ILE A 25 -2.28 2.10 10.08
C ILE A 25 -0.93 1.45 9.83
N ASP A 26 0.02 1.72 10.72
CA ASP A 26 1.34 1.10 10.63
C ASP A 26 1.39 -0.11 11.56
N ASP A 27 2.43 -0.92 11.39
CA ASP A 27 2.60 -2.10 12.23
C ASP A 27 3.20 -1.71 13.57
N ILE A 28 2.69 -2.33 14.64
CA ILE A 28 3.13 -2.03 16.00
C ILE A 28 4.58 -2.45 16.21
N ALA A 29 5.02 -3.50 15.51
CA ALA A 29 6.40 -3.96 15.63
C ALA A 29 7.40 -2.99 15.01
N ASP A 30 6.92 -1.99 14.26
CA ASP A 30 7.82 -1.04 13.62
C ASP A 30 8.38 -0.02 14.58
N GLY A 31 7.72 0.20 15.72
CA GLY A 31 8.18 1.18 16.70
C GLY A 31 8.51 0.52 18.02
N ALA A 32 9.53 1.06 18.69
CA ALA A 32 9.91 0.50 19.99
C ALA A 32 8.78 0.63 20.98
N VAL A 33 8.22 1.84 21.14
CA VAL A 33 7.12 2.04 22.08
C VAL A 33 5.84 1.54 21.46
N LYS A 34 5.11 0.72 22.20
CA LYS A 34 3.84 0.15 21.77
C LYS A 34 2.70 1.07 22.18
N PRO A 35 1.62 1.14 21.40
CA PRO A 35 0.48 1.94 21.80
C PRO A 35 -0.26 1.32 22.98
N PRO A 36 -1.01 2.12 23.72
CA PRO A 36 -1.94 1.57 24.71
C PRO A 36 -2.94 0.64 24.05
N PRO A 37 -3.64 -0.19 24.83
CA PRO A 37 -4.72 -0.99 24.26
C PRO A 37 -5.72 -0.14 23.48
N ASN A 38 -6.17 -0.68 22.35
CA ASN A 38 -7.15 -0.05 21.45
C ASN A 38 -6.71 1.33 20.96
N LYS A 39 -5.40 1.55 20.86
CA LYS A 39 -4.87 2.60 20.02
C LYS A 39 -3.92 1.99 19.00
N TYR A 40 -3.70 2.72 17.92
CA TYR A 40 -2.94 2.21 16.79
C TYR A 40 -1.86 3.21 16.39
N PRO A 41 -0.75 2.73 15.82
CA PRO A 41 0.25 3.64 15.25
C PRO A 41 -0.26 4.16 13.91
N ILE A 42 -0.35 5.47 13.78
CA ILE A 42 -0.93 6.12 12.62
C ILE A 42 0.19 6.87 11.91
N PHE A 43 0.41 6.56 10.64
CA PHE A 43 1.37 7.27 9.80
C PHE A 43 0.59 8.28 8.95
N PHE A 44 0.90 9.57 9.11
CA PHE A 44 0.21 10.63 8.40
C PHE A 44 0.89 10.90 7.07
N PHE A 45 0.13 10.85 5.98
CA PHE A 45 0.73 11.15 4.70
C PHE A 45 1.01 12.64 4.58
N GLY A 46 2.00 12.96 3.76
CA GLY A 46 2.41 14.35 3.55
C GLY A 46 3.41 14.79 4.59
N THR A 47 3.01 14.76 5.86
CA THR A 47 3.90 15.15 6.95
C THR A 47 4.82 14.01 7.37
N HIS A 48 4.37 12.76 7.21
CA HIS A 48 5.11 11.54 7.51
C HIS A 48 5.40 11.38 8.99
N GLU A 49 4.62 12.05 9.84
CA GLU A 49 4.68 11.84 11.28
C GLU A 49 3.86 10.62 11.70
N THR A 50 4.20 10.07 12.85
CA THR A 50 3.45 8.97 13.44
C THR A 50 2.98 9.33 14.84
N ALA A 51 1.73 8.97 15.12
CA ALA A 51 1.12 9.19 16.42
C ALA A 51 0.23 8.00 16.73
N PHE A 52 -0.12 7.85 18.01
CA PHE A 52 -1.08 6.84 18.45
C PHE A 52 -2.49 7.44 18.53
N LEU A 53 -3.45 6.81 17.86
CA LEU A 53 -4.84 7.22 17.92
C LEU A 53 -5.75 6.02 18.12
N GLY A 54 -6.91 6.28 18.70
CA GLY A 54 -7.94 5.28 18.87
C GLY A 54 -9.01 5.36 17.80
N PRO A 55 -9.86 4.32 17.75
CA PRO A 55 -10.85 4.20 16.66
C PRO A 55 -11.80 5.37 16.52
N LYS A 56 -12.15 6.09 17.59
CA LYS A 56 -13.08 7.20 17.43
C LYS A 56 -12.53 8.28 16.50
N ASP A 57 -11.22 8.29 16.27
CA ASP A 57 -10.57 9.31 15.46
C ASP A 57 -10.11 8.78 14.12
N LEU A 58 -10.54 7.56 13.74
CA LEU A 58 -10.07 6.90 12.53
C LEU A 58 -11.27 6.62 11.62
N PHE A 59 -11.20 7.11 10.40
CA PHE A 59 -12.30 6.99 9.44
C PHE A 59 -11.82 6.22 8.23
N PRO A 60 -12.41 5.07 7.88
CA PRO A 60 -11.93 4.31 6.72
C PRO A 60 -11.91 5.15 5.45
N TYR A 61 -10.81 5.03 4.69
CA TYR A 61 -10.56 5.94 3.57
C TYR A 61 -11.62 5.82 2.48
N ASP A 62 -11.94 4.60 2.07
CA ASP A 62 -12.87 4.39 0.96
C ASP A 62 -14.25 4.97 1.28
N LYS A 63 -14.68 4.83 2.54
CA LYS A 63 -15.99 5.33 2.93
C LYS A 63 -16.04 6.85 2.99
N CYS A 64 -14.99 7.49 3.51
CA CYS A 64 -15.04 8.89 3.89
CA CYS A 64 -15.09 8.90 3.86
C CYS A 64 -14.25 9.81 2.97
N LYS A 65 -13.60 9.28 1.93
CA LYS A 65 -12.78 10.13 1.07
C LYS A 65 -13.60 11.21 0.37
N ASP A 66 -14.87 10.92 0.05
CA ASP A 66 -15.70 11.95 -0.59
C ASP A 66 -15.89 13.17 0.32
N LYS A 67 -15.97 12.96 1.63
CA LYS A 67 -16.17 14.02 2.60
C LYS A 67 -14.87 14.70 3.03
N TYR A 68 -13.81 13.92 3.25
CA TYR A 68 -12.61 14.43 3.90
C TYR A 68 -11.45 14.68 2.95
N GLY A 69 -11.53 14.19 1.71
CA GLY A 69 -10.39 14.27 0.81
C GLY A 69 -10.33 15.53 -0.02
N LYS A 70 -10.93 16.62 0.46
CA LYS A 70 -10.91 17.88 -0.25
C LYS A 70 -9.56 18.56 -0.06
N PRO A 71 -8.95 19.08 -1.13
CA PRO A 71 -7.68 19.81 -0.96
C PRO A 71 -7.85 21.00 -0.04
N ASN A 72 -6.78 21.36 0.66
CA ASN A 72 -6.78 22.56 1.48
C ASN A 72 -5.35 23.11 1.54
N LYS A 73 -5.19 24.21 2.26
CA LYS A 73 -3.91 24.92 2.29
C LYS A 73 -3.03 24.53 3.47
N ARG A 74 -3.46 23.59 4.31
CA ARG A 74 -2.62 23.17 5.43
C ARG A 74 -1.34 22.51 4.93
N LYS A 75 -0.23 22.86 5.58
CA LYS A 75 1.08 22.38 5.18
C LYS A 75 1.12 20.86 5.14
N GLY A 76 1.42 20.32 3.97
CA GLY A 76 1.57 18.89 3.81
C GLY A 76 0.29 18.15 3.47
N PHE A 77 -0.86 18.84 3.50
CA PHE A 77 -2.13 18.13 3.32
C PHE A 77 -2.29 17.63 1.90
N ASN A 78 -2.12 18.53 0.92
CA ASN A 78 -2.33 18.11 -0.47
C ASN A 78 -1.29 17.10 -0.90
N GLU A 79 -0.06 17.23 -0.41
CA GLU A 79 0.94 16.20 -0.63
C GLU A 79 0.46 14.87 -0.07
N GLY A 80 -0.18 14.90 1.10
CA GLY A 80 -0.71 13.69 1.68
C GLY A 80 -1.84 13.08 0.87
N LEU A 81 -2.70 13.93 0.30
CA LEU A 81 -3.75 13.42 -0.58
C LEU A 81 -3.14 12.71 -1.78
N TRP A 82 -2.05 13.26 -2.35
CA TRP A 82 -1.42 12.60 -3.47
C TRP A 82 -0.86 11.24 -3.05
N GLU A 83 -0.22 11.17 -1.88
CA GLU A 83 0.39 9.91 -1.46
C GLU A 83 -0.64 8.82 -1.20
N ILE A 84 -1.74 9.13 -0.51
CA ILE A 84 -2.71 8.09 -0.20
C ILE A 84 -3.36 7.57 -1.49
N GLN A 85 -3.46 8.41 -2.52
CA GLN A 85 -4.08 8.02 -3.78
C GLN A 85 -3.10 7.27 -4.67
N ASN A 86 -1.82 7.65 -4.66
CA ASN A 86 -0.89 7.18 -5.68
C ASN A 86 0.12 6.17 -5.20
N ASN A 87 0.47 6.18 -3.90
CA ASN A 87 1.41 5.20 -3.39
C ASN A 87 1.28 5.11 -1.87
N PRO A 88 0.16 4.60 -1.38
CA PRO A 88 -0.10 4.62 0.07
C PRO A 88 0.82 3.73 0.86
N HIS A 89 1.41 2.71 0.25
CA HIS A 89 2.22 1.75 1.00
C HIS A 89 3.71 1.98 0.83
N ALA A 90 4.11 3.13 0.28
CA ALA A 90 5.53 3.44 0.14
C ALA A 90 6.18 3.77 1.48
N SER A 91 7.51 3.64 1.50
CA SER A 91 8.28 3.93 2.71
CA SER A 91 8.28 3.93 2.71
C SER A 91 8.24 5.40 3.07
N TYR A 92 8.58 6.28 2.12
CA TYR A 92 8.74 7.72 2.34
C TYR A 92 9.91 8.02 3.28
N SER A 93 10.46 6.98 3.91
CA SER A 93 11.65 7.13 4.73
C SER A 93 12.82 7.43 3.82
N ALA B 4 5.67 7.81 -8.24
CA ALA B 4 4.63 6.88 -8.66
C ALA B 4 5.25 5.51 -8.93
N PHE B 5 4.45 4.58 -9.45
CA PHE B 5 4.96 3.29 -9.84
C PHE B 5 5.47 3.34 -11.28
N LYS B 6 6.62 2.70 -11.50
CA LYS B 6 7.28 2.64 -12.80
C LYS B 6 7.47 1.18 -13.23
N PRO B 7 7.46 0.91 -14.53
CA PRO B 7 7.79 -0.44 -14.99
C PRO B 7 9.12 -0.92 -14.41
N GLY B 8 9.12 -2.15 -13.94
CA GLY B 8 10.28 -2.75 -13.30
C GLY B 8 10.28 -2.65 -11.79
N ASP B 9 9.43 -1.79 -11.21
CA ASP B 9 9.26 -1.76 -9.76
C ASP B 9 8.79 -3.12 -9.26
N LEU B 10 9.35 -3.55 -8.14
CA LEU B 10 9.07 -4.85 -7.56
C LEU B 10 8.16 -4.68 -6.37
N VAL B 11 7.08 -5.47 -6.32
CA VAL B 11 6.04 -5.29 -5.33
C VAL B 11 5.54 -6.63 -4.80
N PHE B 12 4.75 -6.57 -3.73
CA PHE B 12 3.76 -7.59 -3.43
C PHE B 12 2.44 -6.98 -3.87
N ALA B 13 1.69 -7.75 -4.64
CA ALA B 13 0.40 -7.30 -5.17
C ALA B 13 -0.72 -8.15 -4.59
N LYS B 14 -1.78 -7.49 -4.15
CA LYS B 14 -2.89 -8.12 -3.44
C LYS B 14 -4.08 -8.28 -4.38
N MET B 15 -4.39 -9.53 -4.73
CA MET B 15 -5.68 -9.91 -5.30
C MET B 15 -6.64 -10.43 -4.24
N LYS B 16 -7.91 -10.08 -4.38
CA LYS B 16 -8.92 -10.62 -3.48
C LYS B 16 -8.91 -12.13 -3.53
N GLY B 17 -8.87 -12.77 -2.36
CA GLY B 17 -8.86 -14.21 -2.25
C GLY B 17 -7.48 -14.84 -2.22
N TYR B 18 -6.43 -14.05 -2.28
CA TYR B 18 -5.07 -14.59 -2.34
C TYR B 18 -4.16 -13.76 -1.44
N PRO B 19 -3.11 -14.38 -0.91
CA PRO B 19 -2.13 -13.62 -0.15
C PRO B 19 -1.38 -12.65 -1.05
N HIS B 20 -0.86 -11.60 -0.44
CA HIS B 20 0.04 -10.67 -1.11
C HIS B 20 1.11 -11.46 -1.87
N TRP B 21 1.25 -11.17 -3.17
CA TRP B 21 1.95 -12.05 -4.06
C TRP B 21 3.13 -11.34 -4.72
N PRO B 22 4.29 -11.97 -4.80
CA PRO B 22 5.43 -11.29 -5.44
C PRO B 22 5.13 -10.98 -6.89
N ALA B 23 5.41 -9.74 -7.30
CA ALA B 23 5.01 -9.27 -8.61
C ALA B 23 5.89 -8.12 -9.05
N ARG B 24 5.72 -7.70 -10.30
CA ARG B 24 6.41 -6.52 -10.81
C ARG B 24 5.44 -5.68 -11.64
N ILE B 25 5.74 -4.38 -11.71
CA ILE B 25 5.05 -3.50 -12.63
C ILE B 25 5.57 -3.76 -14.03
N ASP B 26 4.68 -4.11 -14.95
CA ASP B 26 5.06 -4.37 -16.33
C ASP B 26 4.82 -3.14 -17.19
N ASP B 27 5.27 -3.23 -18.44
CA ASP B 27 4.87 -2.31 -19.48
C ASP B 27 3.63 -2.84 -20.18
N ILE B 28 2.91 -1.94 -20.82
CA ILE B 28 1.80 -2.33 -21.67
C ILE B 28 2.36 -2.64 -23.04
N ALA B 29 2.01 -3.80 -23.58
CA ALA B 29 2.57 -4.20 -24.86
C ALA B 29 2.01 -3.31 -25.97
N ASP B 30 2.79 -3.20 -27.05
CA ASP B 30 2.39 -2.37 -28.18
C ASP B 30 1.02 -2.79 -28.68
N GLY B 31 0.07 -1.85 -28.65
CA GLY B 31 -1.28 -2.09 -29.13
C GLY B 31 -2.20 -2.81 -28.18
N ALA B 32 -1.74 -3.14 -26.98
CA ALA B 32 -2.55 -3.90 -26.04
C ALA B 32 -3.47 -2.97 -25.25
N VAL B 33 -4.38 -3.60 -24.49
CA VAL B 33 -5.35 -2.86 -23.71
C VAL B 33 -4.65 -2.10 -22.60
N LYS B 34 -4.99 -0.81 -22.44
CA LYS B 34 -4.43 0.04 -21.39
C LYS B 34 -5.18 -0.16 -20.08
N PRO B 35 -4.53 0.06 -18.94
CA PRO B 35 -5.23 -0.11 -17.66
C PRO B 35 -6.24 1.01 -17.45
N PRO B 36 -7.26 0.79 -16.62
CA PRO B 36 -8.09 1.89 -16.14
C PRO B 36 -7.22 2.96 -15.49
N PRO B 37 -7.74 4.17 -15.30
CA PRO B 37 -6.90 5.24 -14.72
C PRO B 37 -6.39 4.87 -13.33
N ASN B 38 -5.15 5.29 -13.07
CA ASN B 38 -4.45 4.99 -11.81
C ASN B 38 -4.43 3.50 -11.52
N LYS B 39 -4.38 2.68 -12.56
CA LYS B 39 -4.07 1.26 -12.40
C LYS B 39 -2.88 0.90 -13.27
N TYR B 40 -2.28 -0.24 -12.96
CA TYR B 40 -1.02 -0.66 -13.54
C TYR B 40 -1.09 -2.11 -13.99
N PRO B 41 -0.38 -2.47 -15.06
CA PRO B 41 -0.27 -3.90 -15.40
C PRO B 41 0.72 -4.58 -14.46
N ILE B 42 0.23 -5.59 -13.76
CA ILE B 42 0.98 -6.28 -12.71
C ILE B 42 1.29 -7.68 -13.22
N PHE B 43 2.57 -8.02 -13.34
CA PHE B 43 2.98 -9.36 -13.69
C PHE B 43 3.31 -10.14 -12.42
N PHE B 44 2.61 -11.25 -12.19
CA PHE B 44 2.79 -12.03 -10.98
C PHE B 44 3.85 -13.11 -11.19
N PHE B 45 4.86 -13.13 -10.32
CA PHE B 45 5.88 -14.16 -10.41
C PHE B 45 5.32 -15.53 -10.02
N GLY B 46 5.97 -16.57 -10.53
CA GLY B 46 5.54 -17.94 -10.27
C GLY B 46 4.40 -18.39 -11.17
N THR B 47 3.29 -17.68 -11.15
CA THR B 47 2.14 -18.07 -11.95
C THR B 47 2.08 -17.33 -13.29
N HIS B 48 2.72 -16.16 -13.38
CA HIS B 48 2.99 -15.46 -14.63
C HIS B 48 1.73 -14.88 -15.27
N GLU B 49 0.66 -14.66 -14.50
CA GLU B 49 -0.46 -13.91 -15.04
C GLU B 49 -0.19 -12.40 -14.97
N THR B 50 -0.97 -11.64 -15.73
CA THR B 50 -0.95 -10.19 -15.66
C THR B 50 -2.37 -9.70 -15.37
N ALA B 51 -2.48 -8.74 -14.45
CA ALA B 51 -3.75 -8.13 -14.09
C ALA B 51 -3.55 -6.65 -13.84
N PHE B 52 -4.64 -5.88 -13.92
CA PHE B 52 -4.60 -4.46 -13.60
C PHE B 52 -4.93 -4.25 -12.13
N LEU B 53 -4.04 -3.58 -11.40
CA LEU B 53 -4.29 -3.24 -10.01
C LEU B 53 -3.93 -1.79 -9.76
N GLY B 54 -4.60 -1.22 -8.75
CA GLY B 54 -4.31 0.12 -8.30
C GLY B 54 -3.38 0.14 -7.10
N PRO B 55 -2.88 1.33 -6.76
CA PRO B 55 -1.85 1.41 -5.69
C PRO B 55 -2.28 0.89 -4.33
N LYS B 56 -3.58 0.90 -3.99
CA LYS B 56 -3.97 0.40 -2.69
C LYS B 56 -3.59 -1.08 -2.51
N ASP B 57 -3.38 -1.80 -3.61
CA ASP B 57 -3.07 -3.22 -3.61
C ASP B 57 -1.60 -3.50 -3.92
N LEU B 58 -0.75 -2.48 -3.94
CA LEU B 58 0.65 -2.63 -4.33
C LEU B 58 1.56 -2.21 -3.17
N PHE B 59 2.42 -3.12 -2.73
CA PHE B 59 3.31 -2.93 -1.60
C PHE B 59 4.75 -3.07 -2.04
N PRO B 60 5.64 -2.15 -1.66
CA PRO B 60 7.04 -2.24 -2.11
C PRO B 60 7.71 -3.50 -1.59
N TYR B 61 8.39 -4.20 -2.51
CA TYR B 61 8.92 -5.52 -2.19
C TYR B 61 9.95 -5.45 -1.07
N ASP B 62 10.92 -4.55 -1.19
CA ASP B 62 12.01 -4.51 -0.20
C ASP B 62 11.45 -4.18 1.18
N LYS B 63 10.55 -3.21 1.26
CA LYS B 63 9.96 -2.79 2.54
C LYS B 63 9.12 -3.89 3.19
N CYS B 64 8.41 -4.68 2.38
CA CYS B 64 7.38 -5.58 2.90
C CYS B 64 7.74 -7.06 2.84
N LYS B 65 8.94 -7.42 2.39
CA LYS B 65 9.22 -8.84 2.17
C LYS B 65 9.33 -9.62 3.48
N ASP B 66 9.69 -8.97 4.58
CA ASP B 66 9.73 -9.70 5.84
C ASP B 66 8.34 -10.11 6.28
N LYS B 67 7.32 -9.32 5.93
CA LYS B 67 5.95 -9.58 6.31
C LYS B 67 5.24 -10.49 5.31
N TYR B 68 5.44 -10.27 4.01
CA TYR B 68 4.65 -10.93 2.98
C TYR B 68 5.42 -12.01 2.24
N GLY B 69 6.72 -12.14 2.48
CA GLY B 69 7.53 -13.06 1.69
C GLY B 69 7.69 -14.45 2.29
N LYS B 70 6.83 -14.81 3.22
CA LYS B 70 6.92 -16.13 3.84
C LYS B 70 6.53 -17.21 2.84
N PRO B 71 7.37 -18.24 2.65
CA PRO B 71 6.98 -19.34 1.77
C PRO B 71 5.71 -20.02 2.26
N ASN B 72 4.98 -20.60 1.30
CA ASN B 72 3.77 -21.37 1.61
C ASN B 72 3.63 -22.48 0.58
N LYS B 73 2.51 -23.22 0.65
CA LYS B 73 2.30 -24.37 -0.22
C LYS B 73 1.45 -24.06 -1.43
N ARG B 74 1.08 -22.80 -1.67
CA ARG B 74 0.23 -22.47 -2.80
C ARG B 74 0.96 -22.64 -4.11
N LYS B 75 0.24 -23.14 -5.11
CA LYS B 75 0.82 -23.35 -6.42
C LYS B 75 1.41 -22.06 -6.95
N GLY B 76 2.69 -22.11 -7.30
CA GLY B 76 3.36 -20.99 -7.89
C GLY B 76 3.97 -19.99 -6.91
N PHE B 77 3.61 -20.04 -5.63
CA PHE B 77 4.03 -18.97 -4.73
C PHE B 77 5.53 -19.01 -4.48
N ASN B 78 6.04 -20.16 -4.03
CA ASN B 78 7.47 -20.23 -3.76
C ASN B 78 8.29 -20.07 -5.03
N GLU B 79 7.77 -20.53 -6.16
CA GLU B 79 8.42 -20.25 -7.43
C GLU B 79 8.50 -18.75 -7.67
N GLY B 80 7.44 -18.02 -7.32
CA GLY B 80 7.46 -16.59 -7.46
C GLY B 80 8.44 -15.90 -6.53
N LEU B 81 8.55 -16.41 -5.29
CA LEU B 81 9.55 -15.89 -4.38
C LEU B 81 10.96 -16.07 -4.95
N TRP B 82 11.22 -17.22 -5.57
CA TRP B 82 12.53 -17.41 -6.20
C TRP B 82 12.75 -16.40 -7.32
N GLU B 83 11.73 -16.18 -8.16
CA GLU B 83 11.92 -15.30 -9.33
C GLU B 83 12.17 -13.86 -8.93
N ILE B 84 11.40 -13.33 -7.96
CA ILE B 84 11.57 -11.93 -7.59
C ILE B 84 12.92 -11.72 -6.92
N GLN B 85 13.47 -12.77 -6.30
CA GLN B 85 14.74 -12.69 -5.60
C GLN B 85 15.92 -12.90 -6.54
N ASN B 86 15.77 -13.76 -7.53
CA ASN B 86 16.92 -14.23 -8.32
C ASN B 86 16.96 -13.75 -9.75
N ASN B 87 15.83 -13.42 -10.37
CA ASN B 87 15.85 -12.79 -11.69
C ASN B 87 14.54 -12.07 -11.92
N PRO B 88 14.31 -10.96 -11.21
CA PRO B 88 13.00 -10.29 -11.28
C PRO B 88 12.70 -9.66 -12.63
N HIS B 89 13.70 -9.38 -13.45
CA HIS B 89 13.51 -8.66 -14.70
C HIS B 89 13.60 -9.57 -15.92
N ALA B 90 13.57 -10.89 -15.74
CA ALA B 90 13.65 -11.78 -16.89
C ALA B 90 12.33 -11.87 -17.66
N SER B 91 12.42 -12.41 -18.87
CA SER B 91 11.24 -12.80 -19.63
C SER B 91 10.72 -14.13 -19.09
N TYR B 92 9.44 -14.16 -18.70
CA TYR B 92 8.83 -15.38 -18.17
C TYR B 92 7.64 -15.82 -19.02
S DMS C . -0.66 15.50 10.53
O DMS C . -0.50 16.97 10.26
C1 DMS C . -1.72 15.31 12.00
C2 DMS C . 0.91 14.97 11.23
C01 QMR D . -2.56 -16.58 -8.09
N02 QMR D . -1.51 -15.95 -8.87
C03 QMR D . -1.13 -14.57 -8.59
C04 QMR D . -2.29 -13.72 -8.10
C05 QMR D . -2.88 -14.53 -6.92
C06 QMR D . -3.67 -15.59 -7.68
C07 QMR D . -4.12 -14.95 -8.97
C08 QMR D . -5.13 -15.31 -9.81
C09 QMR D . -5.33 -14.49 -10.98
N10 QMR D . -6.36 -14.82 -11.87
C11 QMR D . -6.50 -14.04 -12.93
C12 QMR D . -5.65 -12.90 -13.17
N13 QMR D . -4.66 -12.58 -12.35
C14 QMR D . -4.50 -13.37 -11.22
C15 QMR D . -3.44 -13.03 -10.31
C16 QMR D . -3.28 -13.83 -9.22
#